data_3GJS
#
_entry.id   3GJS
#
_cell.length_a   50.4
_cell.length_b   70.3
_cell.length_c   93.4
_cell.angle_alpha   90
_cell.angle_beta   102.4
_cell.angle_gamma   90
#
_symmetry.space_group_name_H-M   'P 1 21 1'
#
loop_
_entity.id
_entity.type
_entity.pdbx_description
1 polymer 'Caspase-3 subunit p17'
2 polymer 'Caspase-3 subunit p12'
3 polymer 'Ac-YVAD-Cho inhibitor'
4 water water
#
loop_
_entity_poly.entity_id
_entity_poly.type
_entity_poly.pdbx_seq_one_letter_code
_entity_poly.pdbx_strand_id
1 'polypeptide(L)'
;SGISLDNSYKMDYPEMGLCIIINNKNFHKSTGMTSRSGTDVDAANLRETFRNLKYEVRNKNDLTREEIVELMRDVSKEDH
SKRSSFVCVLLSHGEEGIIFGTNGPVDLKKITNFFRGDRCRSLTGKPKLFIIQACRGTELDCGIETD
;
A,C
2 'polypeptide(L)'
;SGVDDDMACHKIPVEADFLYAYSTAPGYYSWRNSKDGSWFIQSLCAMLKQYADKLEFMHILTRVNRKVATEFESFSFDAT
FHAKKQIPCIVSMLTKELYFYHHHHHHH
;
B,D
3 'polypeptide(L)' (ACE)YVA(ASJ) E,F
#
# COMPACT_ATOMS: atom_id res chain seq x y z
N ASP A 6 3.09 3.72 -23.28
CA ASP A 6 2.12 3.94 -22.17
C ASP A 6 2.56 3.28 -20.86
N ASN A 7 3.84 3.42 -20.53
CA ASN A 7 4.36 2.85 -19.28
C ASN A 7 4.39 3.95 -18.22
N SER A 8 4.33 5.21 -18.67
CA SER A 8 4.34 6.36 -17.77
C SER A 8 3.10 7.22 -17.96
N TYR A 9 2.66 7.85 -16.88
CA TYR A 9 1.51 8.73 -16.95
C TYR A 9 1.86 9.95 -17.78
N LYS A 10 0.91 10.39 -18.60
CA LYS A 10 1.09 11.58 -19.42
C LYS A 10 1.10 12.75 -18.43
N MET A 11 2.25 13.41 -18.30
CA MET A 11 2.38 14.53 -17.36
C MET A 11 2.68 15.84 -18.08
N ASP A 12 2.36 15.89 -19.36
CA ASP A 12 2.61 17.10 -20.14
C ASP A 12 1.36 17.92 -20.42
N TYR A 13 0.33 17.76 -19.59
CA TYR A 13 -0.89 18.56 -19.77
C TYR A 13 -0.49 20.01 -19.47
N PRO A 14 -1.34 20.98 -19.81
CA PRO A 14 -1.00 22.38 -19.55
C PRO A 14 -0.68 22.70 -18.09
N GLU A 15 -1.24 21.90 -17.17
CA GLU A 15 -1.04 22.09 -15.74
C GLU A 15 -0.70 20.77 -15.04
N MET A 16 0.19 20.83 -14.04
CA MET A 16 0.53 19.63 -13.27
C MET A 16 -0.70 19.22 -12.46
N GLY A 17 -1.44 20.21 -11.97
CA GLY A 17 -2.63 19.94 -11.20
C GLY A 17 -2.66 20.63 -9.84
N LEU A 18 -3.73 20.41 -9.09
CA LEU A 18 -3.84 21.03 -7.77
C LEU A 18 -3.16 20.22 -6.68
N CYS A 19 -2.73 20.92 -5.63
CA CYS A 19 -2.14 20.29 -4.46
C CYS A 19 -2.87 20.96 -3.28
N ILE A 20 -3.88 20.28 -2.76
CA ILE A 20 -4.65 20.78 -1.63
C ILE A 20 -4.03 20.31 -0.32
N ILE A 21 -3.67 21.25 0.54
CA ILE A 21 -3.08 20.93 1.83
C ILE A 21 -4.02 21.30 2.97
N ILE A 22 -4.52 20.31 3.68
N ILE A 22 -4.52 20.31 3.69
CA ILE A 22 -5.41 20.54 4.82
CA ILE A 22 -5.41 20.58 4.81
C ILE A 22 -4.54 20.47 6.07
C ILE A 22 -4.58 20.48 6.08
N ASN A 23 -4.32 21.61 6.70
CA ASN A 23 -3.50 21.67 7.89
C ASN A 23 -4.30 21.92 9.17
N ASN A 24 -4.63 20.85 9.89
CA ASN A 24 -5.37 20.99 11.14
C ASN A 24 -4.43 20.96 12.34
N LYS A 25 -4.40 22.09 13.04
CA LYS A 25 -3.54 22.26 14.21
C LYS A 25 -4.30 22.39 15.53
N ASN A 26 -5.41 23.13 15.51
CA ASN A 26 -6.20 23.36 16.72
C ASN A 26 -7.52 22.62 16.70
N PHE A 27 -7.77 21.84 17.74
CA PHE A 27 -9.00 21.08 17.85
C PHE A 27 -9.86 21.45 19.04
N HIS A 28 -11.15 21.10 18.96
CA HIS A 28 -12.10 21.39 20.04
C HIS A 28 -11.75 20.51 21.25
N LYS A 29 -11.84 21.08 22.45
CA LYS A 29 -11.52 20.34 23.67
C LYS A 29 -12.16 18.95 23.73
N SER A 30 -13.44 18.89 23.40
CA SER A 30 -14.19 17.62 23.43
C SER A 30 -13.46 16.46 22.76
N THR A 31 -12.55 16.76 21.84
CA THR A 31 -11.81 15.71 21.15
C THR A 31 -10.62 15.25 21.97
N GLY A 32 -10.19 16.09 22.91
CA GLY A 32 -9.06 15.73 23.75
C GLY A 32 -7.74 15.73 23.00
N MET A 33 -7.73 16.27 21.78
CA MET A 33 -6.52 16.33 20.98
C MET A 33 -5.78 17.65 21.23
N THR A 34 -4.54 17.55 21.69
CA THR A 34 -3.75 18.74 21.97
C THR A 34 -3.23 19.35 20.66
N SER A 35 -2.95 20.64 20.69
CA SER A 35 -2.46 21.38 19.53
C SER A 35 -1.28 20.64 18.85
N ARG A 36 -1.36 20.47 17.53
CA ARG A 36 -0.33 19.77 16.80
C ARG A 36 0.87 20.67 16.45
N SER A 37 1.63 21.02 17.47
CA SER A 37 2.80 21.87 17.32
C SER A 37 3.77 21.37 16.25
N GLY A 38 4.17 22.27 15.36
CA GLY A 38 5.10 21.90 14.30
C GLY A 38 4.43 21.63 12.96
N THR A 39 3.11 21.49 12.95
CA THR A 39 2.41 21.21 11.70
C THR A 39 2.49 22.35 10.68
N ASP A 40 2.68 23.57 11.17
CA ASP A 40 2.79 24.72 10.26
C ASP A 40 4.09 24.59 9.45
N VAL A 41 5.14 24.08 10.09
CA VAL A 41 6.42 23.89 9.40
C VAL A 41 6.20 22.91 8.24
N ASP A 42 5.44 21.83 8.50
CA ASP A 42 5.14 20.84 7.47
C ASP A 42 4.38 21.50 6.34
N ALA A 43 3.31 22.21 6.69
CA ALA A 43 2.48 22.88 5.71
C ALA A 43 3.26 23.83 4.81
N ALA A 44 4.18 24.59 5.36
CA ALA A 44 4.98 25.52 4.56
C ALA A 44 5.97 24.78 3.66
N ASN A 45 6.58 23.73 4.21
CA ASN A 45 7.56 22.91 3.48
C ASN A 45 6.85 22.28 2.27
N LEU A 46 5.66 21.73 2.49
CA LEU A 46 4.90 21.10 1.42
C LEU A 46 4.53 22.11 0.34
N ARG A 47 4.05 23.27 0.76
CA ARG A 47 3.66 24.32 -0.17
C ARG A 47 4.81 24.68 -1.09
N GLU A 48 5.98 24.90 -0.51
CA GLU A 48 7.17 25.25 -1.30
C GLU A 48 7.61 24.09 -2.17
N THR A 49 7.62 22.90 -1.60
CA THR A 49 8.05 21.71 -2.33
C THR A 49 7.19 21.50 -3.58
N PHE A 50 5.87 21.52 -3.41
CA PHE A 50 4.97 21.29 -4.55
C PHE A 50 4.98 22.50 -5.52
N ARG A 51 5.25 23.70 -5.00
CA ARG A 51 5.29 24.90 -5.83
C ARG A 51 6.41 24.70 -6.85
N ASN A 52 7.52 24.13 -6.40
CA ASN A 52 8.65 23.90 -7.28
C ASN A 52 8.38 22.79 -8.29
N LEU A 53 7.43 21.92 -7.97
CA LEU A 53 7.07 20.84 -8.89
C LEU A 53 6.00 21.33 -9.87
N LYS A 54 5.66 22.61 -9.75
CA LYS A 54 4.68 23.25 -10.64
C LYS A 54 3.20 22.97 -10.36
N TYR A 55 2.88 22.63 -9.11
CA TYR A 55 1.48 22.38 -8.73
C TYR A 55 0.81 23.67 -8.26
N GLU A 56 -0.50 23.74 -8.41
CA GLU A 56 -1.27 24.89 -7.94
C GLU A 56 -1.64 24.54 -6.50
N VAL A 57 -0.86 25.06 -5.56
CA VAL A 57 -1.05 24.79 -4.14
C VAL A 57 -2.10 25.66 -3.44
N ARG A 58 -2.98 25.02 -2.69
CA ARG A 58 -3.99 25.73 -1.91
C ARG A 58 -3.91 25.20 -0.48
N ASN A 59 -3.59 26.09 0.47
CA ASN A 59 -3.50 25.72 1.87
C ASN A 59 -4.77 26.12 2.64
N LYS A 60 -5.33 25.18 3.39
CA LYS A 60 -6.50 25.44 4.22
C LYS A 60 -6.16 25.04 5.65
N ASN A 61 -6.47 25.91 6.61
CA ASN A 61 -6.15 25.66 8.00
C ASN A 61 -7.36 25.40 8.91
N ASP A 62 -7.16 24.51 9.87
CA ASP A 62 -8.19 24.18 10.85
C ASP A 62 -9.55 24.11 10.19
N LEU A 63 -9.82 23.00 9.50
CA LEU A 63 -11.13 22.80 8.93
C LEU A 63 -11.90 21.77 9.75
N THR A 64 -13.20 22.00 9.93
CA THR A 64 -14.04 21.06 10.66
C THR A 64 -14.26 19.86 9.75
N ARG A 65 -14.76 18.76 10.31
CA ARG A 65 -15.02 17.55 9.55
C ARG A 65 -15.98 17.88 8.38
N GLU A 66 -16.94 18.77 8.63
CA GLU A 66 -17.89 19.15 7.60
C GLU A 66 -17.22 19.95 6.49
N GLU A 67 -16.35 20.88 6.86
CA GLU A 67 -15.64 21.71 5.89
C GLU A 67 -14.69 20.91 5.01
N ILE A 68 -14.11 19.84 5.56
CA ILE A 68 -13.20 19.00 4.80
C ILE A 68 -14.00 18.33 3.69
N VAL A 69 -15.15 17.76 4.06
CA VAL A 69 -16.00 17.09 3.09
C VAL A 69 -16.50 18.05 2.02
N GLU A 70 -16.88 19.26 2.42
CA GLU A 70 -17.37 20.25 1.46
C GLU A 70 -16.25 20.70 0.52
N LEU A 71 -15.04 20.82 1.05
CA LEU A 71 -13.89 21.23 0.24
C LEU A 71 -13.57 20.17 -0.81
N MET A 72 -13.53 18.92 -0.37
CA MET A 72 -13.23 17.82 -1.28
C MET A 72 -14.28 17.70 -2.37
N ARG A 73 -15.55 17.86 -1.98
CA ARG A 73 -16.65 17.78 -2.95
C ARG A 73 -16.49 18.87 -4.00
N ASP A 74 -16.31 20.11 -3.56
CA ASP A 74 -16.15 21.22 -4.49
C ASP A 74 -14.95 21.02 -5.42
N VAL A 75 -13.82 20.62 -4.86
CA VAL A 75 -12.61 20.40 -5.66
C VAL A 75 -12.83 19.30 -6.70
N SER A 76 -13.47 18.21 -6.27
CA SER A 76 -13.73 17.09 -7.18
C SER A 76 -14.71 17.48 -8.28
N LYS A 77 -15.43 18.57 -8.08
CA LYS A 77 -16.40 19.02 -9.08
C LYS A 77 -15.81 20.05 -10.05
N GLU A 78 -14.54 20.37 -9.87
CA GLU A 78 -13.88 21.32 -10.77
C GLU A 78 -13.56 20.59 -12.06
N ASP A 79 -13.24 21.36 -13.10
CA ASP A 79 -12.88 20.78 -14.39
C ASP A 79 -11.37 20.56 -14.40
N HIS A 80 -10.93 19.32 -14.18
CA HIS A 80 -9.50 19.01 -14.14
C HIS A 80 -8.96 18.60 -15.50
N SER A 81 -9.72 18.87 -16.56
CA SER A 81 -9.33 18.49 -17.91
C SER A 81 -7.90 18.84 -18.32
N LYS A 82 -7.49 20.07 -18.05
CA LYS A 82 -6.15 20.53 -18.45
C LYS A 82 -5.07 20.25 -17.39
N ARG A 83 -5.37 19.38 -16.42
CA ARG A 83 -4.43 19.06 -15.36
C ARG A 83 -3.95 17.61 -15.48
N SER A 84 -2.66 17.39 -15.23
CA SER A 84 -2.08 16.06 -15.34
C SER A 84 -2.38 15.15 -14.17
N SER A 85 -2.56 15.74 -12.99
CA SER A 85 -2.80 14.94 -11.81
C SER A 85 -3.50 15.70 -10.71
N PHE A 86 -3.62 15.06 -9.56
CA PHE A 86 -4.26 15.69 -8.40
C PHE A 86 -3.54 15.24 -7.15
N VAL A 87 -3.30 16.18 -6.24
CA VAL A 87 -2.62 15.88 -4.98
C VAL A 87 -3.38 16.50 -3.80
N CYS A 88 -3.48 15.75 -2.71
CA CYS A 88 -4.13 16.20 -1.48
C CYS A 88 -3.32 15.70 -0.30
N VAL A 89 -2.95 16.62 0.59
CA VAL A 89 -2.16 16.27 1.76
C VAL A 89 -2.99 16.57 3.00
N LEU A 90 -3.11 15.58 3.89
CA LEU A 90 -3.88 15.74 5.12
C LEU A 90 -2.95 15.68 6.31
N LEU A 91 -2.92 16.75 7.10
CA LEU A 91 -2.07 16.84 8.28
C LEU A 91 -3.02 16.98 9.48
N SER A 92 -3.12 15.94 10.28
CA SER A 92 -4.02 15.99 11.43
C SER A 92 -3.86 14.76 12.29
N HIS A 93 -4.71 14.65 13.31
CA HIS A 93 -4.68 13.49 14.16
C HIS A 93 -5.54 12.50 13.38
N GLY A 94 -5.45 11.23 13.74
CA GLY A 94 -6.25 10.23 13.05
C GLY A 94 -6.25 8.88 13.73
N GLU A 95 -6.99 7.95 13.13
CA GLU A 95 -7.09 6.59 13.60
C GLU A 95 -7.12 5.78 12.32
N GLU A 96 -7.06 4.45 12.42
CA GLU A 96 -7.08 3.62 11.21
C GLU A 96 -8.29 3.95 10.34
N GLY A 97 -8.03 4.36 9.10
CA GLY A 97 -9.09 4.69 8.16
C GLY A 97 -9.80 5.99 8.44
N ILE A 98 -9.31 6.74 9.42
CA ILE A 98 -9.95 7.99 9.81
C ILE A 98 -9.00 9.19 9.92
N ILE A 99 -9.50 10.36 9.53
CA ILE A 99 -8.73 11.60 9.64
C ILE A 99 -9.61 12.55 10.45
N PHE A 100 -9.00 13.39 11.28
CA PHE A 100 -9.76 14.30 12.13
C PHE A 100 -9.98 15.74 11.70
N GLY A 101 -11.23 16.09 11.65
CA GLY A 101 -11.51 17.43 11.37
C GLY A 101 -11.33 18.11 12.71
N THR A 102 -11.33 19.43 12.82
CA THR A 102 -11.09 20.05 14.13
C THR A 102 -12.13 19.62 15.18
N ASN A 103 -13.34 19.32 14.71
CA ASN A 103 -14.43 18.95 15.61
C ASN A 103 -14.81 17.48 15.64
N GLY A 104 -14.07 16.62 14.94
CA GLY A 104 -14.41 15.20 14.95
C GLY A 104 -13.84 14.40 13.80
N PRO A 105 -13.97 13.07 13.86
CA PRO A 105 -13.45 12.18 12.81
C PRO A 105 -14.31 12.08 11.57
N VAL A 106 -13.65 11.76 10.45
CA VAL A 106 -14.32 11.57 9.17
C VAL A 106 -13.57 10.43 8.49
N ASP A 107 -14.31 9.52 7.86
CA ASP A 107 -13.67 8.39 7.18
C ASP A 107 -12.90 8.86 5.96
N LEU A 108 -11.71 8.30 5.76
CA LEU A 108 -10.89 8.66 4.61
C LEU A 108 -11.58 8.24 3.32
N LYS A 109 -12.28 7.12 3.36
CA LYS A 109 -12.96 6.60 2.19
C LYS A 109 -13.96 7.63 1.67
N LYS A 110 -14.62 8.32 2.61
CA LYS A 110 -15.60 9.35 2.28
C LYS A 110 -14.95 10.47 1.46
N ILE A 111 -13.71 10.82 1.82
CA ILE A 111 -12.95 11.88 1.14
C ILE A 111 -12.45 11.46 -0.24
N THR A 112 -11.79 10.31 -0.31
CA THR A 112 -11.25 9.82 -1.57
C THR A 112 -12.31 9.40 -2.60
N ASN A 113 -13.51 9.03 -2.15
CA ASN A 113 -14.58 8.61 -3.06
C ASN A 113 -15.01 9.69 -4.05
N PHE A 114 -14.87 10.96 -3.66
CA PHE A 114 -15.24 12.07 -4.56
C PHE A 114 -14.40 12.04 -5.84
N PHE A 115 -13.23 11.40 -5.75
CA PHE A 115 -12.31 11.34 -6.89
C PHE A 115 -12.30 10.00 -7.61
N ARG A 116 -13.26 9.13 -7.29
CA ARG A 116 -13.35 7.84 -7.93
C ARG A 116 -13.40 8.02 -9.45
N GLY A 117 -12.83 7.08 -10.18
CA GLY A 117 -12.80 7.16 -11.64
C GLY A 117 -14.14 7.47 -12.30
N ASP A 118 -15.23 7.11 -11.64
CA ASP A 118 -16.55 7.36 -12.21
C ASP A 118 -17.25 8.60 -11.64
N ARG A 119 -16.70 9.18 -10.59
CA ARG A 119 -17.31 10.36 -9.98
C ARG A 119 -16.61 11.67 -10.34
N CYS A 120 -15.37 11.60 -10.79
CA CYS A 120 -14.63 12.78 -11.21
C CYS A 120 -14.03 12.42 -12.56
N ARG A 121 -14.87 12.50 -13.58
CA ARG A 121 -14.47 12.15 -14.94
C ARG A 121 -13.25 12.88 -15.48
N SER A 122 -13.05 14.13 -15.07
CA SER A 122 -11.91 14.90 -15.55
C SER A 122 -10.56 14.43 -14.98
N LEU A 123 -10.60 13.44 -14.10
CA LEU A 123 -9.37 12.90 -13.51
C LEU A 123 -9.25 11.40 -13.78
N THR A 124 -10.20 10.86 -14.56
CA THR A 124 -10.16 9.44 -14.89
C THR A 124 -8.84 9.14 -15.59
N GLY A 125 -8.16 8.08 -15.17
CA GLY A 125 -6.91 7.72 -15.81
C GLY A 125 -5.72 8.58 -15.46
N LYS A 126 -5.90 9.52 -14.53
CA LYS A 126 -4.82 10.40 -14.13
C LYS A 126 -4.49 10.06 -12.67
N PRO A 127 -3.21 10.17 -12.30
CA PRO A 127 -2.79 9.86 -10.93
C PRO A 127 -3.40 10.79 -9.88
N LYS A 128 -4.01 10.18 -8.86
CA LYS A 128 -4.64 10.91 -7.75
C LYS A 128 -3.87 10.52 -6.48
N LEU A 129 -3.09 11.46 -5.96
CA LEU A 129 -2.28 11.18 -4.78
C LEU A 129 -2.79 11.75 -3.46
N PHE A 130 -2.86 10.89 -2.44
CA PHE A 130 -3.28 11.32 -1.12
C PHE A 130 -2.12 11.05 -0.15
N ILE A 131 -1.54 12.12 0.37
N ILE A 131 -1.57 12.11 0.41
CA ILE A 131 -0.44 12.06 1.32
CA ILE A 131 -0.45 12.02 1.35
C ILE A 131 -1.07 12.26 2.69
C ILE A 131 -1.06 12.30 2.74
N ILE A 132 -0.94 11.26 3.57
N ILE A 132 -1.03 11.27 3.59
CA ILE A 132 -1.56 11.34 4.89
CA ILE A 132 -1.62 11.35 4.93
C ILE A 132 -0.64 11.31 6.10
C ILE A 132 -0.70 11.30 6.12
N GLN A 133 -0.53 12.44 6.78
CA GLN A 133 0.29 12.54 7.99
C GLN A 133 -0.71 12.54 9.15
N ALA A 134 -0.90 11.37 9.75
CA ALA A 134 -1.84 11.20 10.86
C ALA A 134 -1.69 9.79 11.44
N CYS A 135 -1.98 9.66 12.72
CA CYS A 135 -1.90 8.36 13.37
C CYS A 135 -2.90 7.39 12.75
N ARG A 136 -2.61 6.10 12.86
CA ARG A 136 -3.50 5.05 12.33
C ARG A 136 -3.78 4.04 13.45
N GLY A 137 -3.70 4.52 14.69
CA GLY A 137 -3.93 3.66 15.83
C GLY A 137 -2.96 4.05 16.93
N THR A 138 -2.86 3.22 17.97
CA THR A 138 -1.98 3.52 19.08
C THR A 138 -0.82 2.54 19.29
N GLU A 139 -0.45 1.79 18.25
CA GLU A 139 0.66 0.86 18.39
C GLU A 139 2.00 1.60 18.29
N LEU A 140 2.98 1.13 19.04
CA LEU A 140 4.30 1.74 19.04
C LEU A 140 5.30 0.72 18.52
N ASP A 141 6.21 1.16 17.66
CA ASP A 141 7.21 0.27 17.09
C ASP A 141 8.48 0.38 17.94
N CYS A 142 8.81 -0.67 18.67
N CYS A 142 8.80 -0.67 18.67
CA CYS A 142 10.00 -0.66 19.53
CA CYS A 142 9.97 -0.67 19.54
C CYS A 142 11.28 -0.77 18.74
C CYS A 142 11.27 -0.79 18.73
N GLY A 143 11.14 -1.15 17.45
CA GLY A 143 12.32 -1.29 16.61
C GLY A 143 13.24 -2.44 17.00
N ILE A 144 14.23 -2.71 16.17
CA ILE A 144 15.19 -3.78 16.43
C ILE A 144 16.58 -3.30 16.05
N GLU A 145 17.56 -3.62 16.89
CA GLU A 145 18.94 -3.21 16.63
C GLU A 145 19.55 -3.91 15.43
N THR A 146 20.07 -3.11 14.50
CA THR A 146 20.69 -3.62 13.28
C THR A 146 22.05 -4.24 13.55
N CYS B 9 -16.84 -3.00 -21.99
CA CYS B 9 -16.02 -2.36 -23.01
C CYS B 9 -14.69 -1.91 -22.41
N HIS B 10 -14.00 -0.99 -23.08
CA HIS B 10 -12.74 -0.47 -22.58
C HIS B 10 -13.01 0.26 -21.27
N LYS B 11 -12.89 -0.47 -20.16
CA LYS B 11 -13.14 0.11 -18.85
C LYS B 11 -11.95 -0.10 -17.92
N ILE B 12 -11.87 0.73 -16.90
CA ILE B 12 -10.83 0.62 -15.88
C ILE B 12 -11.54 0.66 -14.53
N PRO B 13 -10.96 0.05 -13.49
CA PRO B 13 -11.60 0.05 -12.16
C PRO B 13 -11.78 1.49 -11.67
N VAL B 14 -12.81 1.76 -10.89
CA VAL B 14 -13.01 3.11 -10.37
C VAL B 14 -12.01 3.39 -9.24
N GLU B 15 -11.41 2.33 -8.70
CA GLU B 15 -10.43 2.46 -7.62
C GLU B 15 -8.99 2.54 -8.17
N ALA B 16 -8.84 2.40 -9.48
CA ALA B 16 -7.53 2.47 -10.10
C ALA B 16 -6.98 3.90 -10.15
N ASP B 17 -5.66 4.00 -10.24
CA ASP B 17 -4.95 5.27 -10.33
C ASP B 17 -4.95 6.14 -9.07
N PHE B 18 -4.99 5.50 -7.90
CA PHE B 18 -4.90 6.19 -6.61
C PHE B 18 -3.59 5.76 -5.96
N LEU B 19 -2.98 6.65 -5.21
CA LEU B 19 -1.75 6.35 -4.49
C LEU B 19 -1.97 6.99 -3.13
N TYR B 20 -1.83 6.20 -2.07
CA TYR B 20 -2.02 6.70 -0.72
C TYR B 20 -0.67 6.56 -0.02
N ALA B 21 -0.03 7.67 0.27
CA ALA B 21 1.26 7.62 0.94
C ALA B 21 1.04 7.90 2.43
N TYR B 22 0.86 6.83 3.20
CA TYR B 22 0.64 6.97 4.63
C TYR B 22 1.96 7.20 5.34
N SER B 23 1.94 8.04 6.37
CA SER B 23 3.14 8.35 7.13
C SER B 23 3.58 7.17 8.00
N THR B 24 2.66 6.26 8.30
CA THR B 24 2.99 5.12 9.15
C THR B 24 2.19 3.87 8.77
N ALA B 25 2.59 2.74 9.33
CA ALA B 25 1.95 1.45 9.07
C ALA B 25 0.58 1.35 9.73
N PRO B 26 -0.29 0.45 9.21
CA PRO B 26 -1.64 0.28 9.77
C PRO B 26 -1.62 -0.01 11.27
N GLY B 27 -2.45 0.71 12.01
CA GLY B 27 -2.53 0.52 13.45
C GLY B 27 -1.52 1.25 14.32
N TYR B 28 -0.54 1.91 13.71
CA TYR B 28 0.50 2.60 14.48
C TYR B 28 0.36 4.10 14.62
N TYR B 29 1.05 4.64 15.63
CA TYR B 29 1.11 6.07 15.88
C TYR B 29 2.00 6.62 14.77
N SER B 30 1.94 7.93 14.57
CA SER B 30 2.78 8.61 13.59
C SER B 30 3.50 9.71 14.39
N TRP B 31 4.81 9.82 14.23
CA TRP B 31 5.60 10.80 14.99
C TRP B 31 5.82 12.19 14.41
N ARG B 32 5.88 13.18 15.29
CA ARG B 32 6.08 14.55 14.87
C ARG B 32 7.00 15.30 15.83
N ASN B 33 7.85 16.14 15.26
N ASN B 33 7.88 16.11 15.28
CA ASN B 33 8.78 16.96 16.01
CA ASN B 33 8.80 16.88 16.11
C ASN B 33 8.13 18.32 16.18
C ASN B 33 8.22 18.29 16.20
N SER B 34 7.90 18.72 17.42
CA SER B 34 7.31 20.02 17.68
C SER B 34 8.04 21.18 16.99
N LYS B 35 9.35 21.04 16.84
CA LYS B 35 10.17 22.08 16.23
C LYS B 35 10.37 21.96 14.72
N ASP B 36 10.68 20.76 14.25
CA ASP B 36 10.95 20.55 12.83
C ASP B 36 9.84 19.98 11.97
N GLY B 37 8.72 19.57 12.58
CA GLY B 37 7.64 19.01 11.80
C GLY B 37 7.61 17.50 11.89
N SER B 38 6.67 16.86 11.18
CA SER B 38 6.56 15.40 11.22
C SER B 38 7.73 14.72 10.53
N TRP B 39 8.12 13.55 11.03
CA TRP B 39 9.24 12.81 10.44
C TRP B 39 8.96 12.52 8.97
N PHE B 40 7.76 12.01 8.71
CA PHE B 40 7.36 11.65 7.36
C PHE B 40 7.36 12.84 6.42
N ILE B 41 6.69 13.92 6.81
CA ILE B 41 6.63 15.06 5.92
C ILE B 41 7.98 15.72 5.65
N GLN B 42 8.82 15.86 6.66
CA GLN B 42 10.10 16.49 6.38
C GLN B 42 10.93 15.59 5.48
N SER B 43 10.82 14.27 5.67
CA SER B 43 11.56 13.32 4.82
C SER B 43 11.03 13.34 3.39
N LEU B 44 9.71 13.34 3.24
CA LEU B 44 9.10 13.35 1.91
C LEU B 44 9.54 14.58 1.13
N CYS B 45 9.51 15.74 1.77
CA CYS B 45 9.89 16.96 1.10
C CYS B 45 11.37 16.96 0.69
N ALA B 46 12.22 16.45 1.57
CA ALA B 46 13.65 16.41 1.27
C ALA B 46 13.92 15.48 0.08
N MET B 47 13.26 14.33 0.04
CA MET B 47 13.47 13.40 -1.06
C MET B 47 12.89 13.92 -2.38
N LEU B 48 11.76 14.61 -2.31
CA LEU B 48 11.18 15.17 -3.53
C LEU B 48 12.11 16.25 -4.07
N LYS B 49 12.63 17.08 -3.18
CA LYS B 49 13.52 18.16 -3.59
C LYS B 49 14.80 17.62 -4.21
N GLN B 50 15.32 16.55 -3.64
CA GLN B 50 16.55 15.97 -4.16
C GLN B 50 16.39 15.02 -5.35
N TYR B 51 15.26 14.32 -5.45
CA TYR B 51 15.09 13.35 -6.52
C TYR B 51 13.92 13.48 -7.51
N ALA B 52 13.04 14.45 -7.31
CA ALA B 52 11.89 14.60 -8.20
C ALA B 52 12.25 14.84 -9.66
N ASP B 53 13.42 15.40 -9.93
CA ASP B 53 13.83 15.66 -11.31
C ASP B 53 14.43 14.45 -11.99
N LYS B 54 14.42 13.30 -11.31
CA LYS B 54 15.01 12.10 -11.89
C LYS B 54 14.23 10.79 -11.64
N LEU B 55 14.10 10.43 -10.37
CA LEU B 55 13.42 9.19 -9.99
C LEU B 55 11.91 9.12 -10.12
N GLU B 56 11.41 7.89 -10.32
CA GLU B 56 9.98 7.61 -10.43
C GLU B 56 9.44 7.70 -8.99
N PHE B 57 8.18 8.09 -8.84
CA PHE B 57 7.59 8.28 -7.51
C PHE B 57 7.75 7.15 -6.48
N MET B 58 7.48 5.91 -6.88
CA MET B 58 7.62 4.79 -5.95
C MET B 58 9.05 4.71 -5.40
N HIS B 59 10.04 4.99 -6.24
CA HIS B 59 11.43 4.95 -5.80
C HIS B 59 11.76 6.11 -4.86
N ILE B 60 11.12 7.26 -5.10
CA ILE B 60 11.31 8.41 -4.22
C ILE B 60 10.67 8.06 -2.88
N LEU B 61 9.47 7.46 -2.91
CA LEU B 61 8.81 7.09 -1.66
C LEU B 61 9.54 5.98 -0.91
N THR B 62 10.28 5.14 -1.63
CA THR B 62 11.04 4.06 -1.00
C THR B 62 12.22 4.68 -0.25
N ARG B 63 12.74 5.79 -0.79
CA ARG B 63 13.83 6.52 -0.16
C ARG B 63 13.30 7.17 1.11
N VAL B 64 12.07 7.67 1.03
CA VAL B 64 11.44 8.30 2.20
C VAL B 64 11.30 7.22 3.29
N ASN B 65 10.85 6.03 2.90
CA ASN B 65 10.71 4.94 3.86
C ASN B 65 12.03 4.73 4.61
N ARG B 66 13.13 4.57 3.88
CA ARG B 66 14.44 4.35 4.48
C ARG B 66 14.88 5.50 5.39
N LYS B 67 14.75 6.74 4.90
CA LYS B 67 15.15 7.89 5.69
C LYS B 67 14.40 7.90 7.04
N VAL B 68 13.09 7.70 7.00
CA VAL B 68 12.28 7.68 8.23
C VAL B 68 12.66 6.52 9.14
N ALA B 69 12.89 5.36 8.55
CA ALA B 69 13.24 4.17 9.32
C ALA B 69 14.61 4.21 9.97
N THR B 70 15.56 4.88 9.33
CA THR B 70 16.93 4.93 9.82
C THR B 70 17.36 6.17 10.61
N GLU B 71 16.92 7.35 10.17
CA GLU B 71 17.33 8.60 10.79
C GLU B 71 16.52 9.14 11.96
N PHE B 72 15.36 8.56 12.23
CA PHE B 72 14.51 9.05 13.32
C PHE B 72 14.23 8.04 14.41
N GLU B 73 14.13 8.54 15.63
CA GLU B 73 13.82 7.72 16.80
C GLU B 73 13.32 8.70 17.84
N SER B 74 12.25 8.35 18.55
CA SER B 74 11.70 9.25 19.56
C SER B 74 12.51 9.27 20.85
N PHE B 75 12.41 10.39 21.56
CA PHE B 75 13.09 10.58 22.85
C PHE B 75 12.00 11.13 23.75
N SER B 76 11.75 10.45 24.87
CA SER B 76 10.70 10.91 25.78
C SER B 76 11.00 10.60 27.24
N PHE B 77 10.56 11.50 28.13
CA PHE B 77 10.78 11.29 29.56
C PHE B 77 9.88 10.14 29.99
N ASP B 78 8.85 9.88 29.18
CA ASP B 78 7.92 8.79 29.46
C ASP B 78 8.50 7.55 28.77
N ALA B 79 8.96 6.59 29.56
CA ALA B 79 9.55 5.38 29.01
C ALA B 79 8.64 4.70 28.00
N THR B 80 7.34 4.88 28.15
CA THR B 80 6.36 4.27 27.24
C THR B 80 6.49 4.76 25.80
N PHE B 81 6.84 6.02 25.61
CA PHE B 81 6.98 6.57 24.28
C PHE B 81 8.43 6.87 23.90
N HIS B 82 9.37 6.32 24.66
CA HIS B 82 10.79 6.57 24.40
C HIS B 82 11.46 5.56 23.49
N ALA B 83 12.38 6.04 22.65
CA ALA B 83 13.13 5.17 21.74
C ALA B 83 12.25 4.36 20.78
N LYS B 84 11.24 4.99 20.22
CA LYS B 84 10.36 4.29 19.28
C LYS B 84 10.75 4.62 17.85
N LYS B 85 10.34 3.75 16.92
CA LYS B 85 10.67 3.90 15.51
C LYS B 85 9.41 4.04 14.66
N GLN B 86 9.59 4.26 13.37
CA GLN B 86 8.43 4.43 12.48
C GLN B 86 8.77 4.06 11.05
N ILE B 87 7.83 3.40 10.35
CA ILE B 87 8.03 3.06 8.94
C ILE B 87 6.77 3.56 8.20
N PRO B 88 6.95 4.32 7.10
CA PRO B 88 5.76 4.82 6.37
C PRO B 88 5.11 3.64 5.65
N CYS B 89 4.01 3.91 4.94
CA CYS B 89 3.29 2.84 4.26
C CYS B 89 2.79 3.32 2.90
N ILE B 90 3.41 2.83 1.82
CA ILE B 90 3.06 3.16 0.45
C ILE B 90 1.98 2.22 -0.05
N VAL B 91 0.80 2.76 -0.37
CA VAL B 91 -0.30 1.95 -0.87
C VAL B 91 -0.59 2.44 -2.30
N SER B 92 -0.25 1.63 -3.29
CA SER B 92 -0.43 2.00 -4.68
C SER B 92 -1.42 1.20 -5.52
N MET B 93 -2.37 1.91 -6.12
CA MET B 93 -3.33 1.32 -7.05
C MET B 93 -3.00 1.95 -8.40
N LEU B 94 -1.81 2.53 -8.51
CA LEU B 94 -1.41 3.17 -9.76
C LEU B 94 -1.21 2.12 -10.85
N THR B 95 -1.42 2.52 -12.10
CA THR B 95 -1.29 1.60 -13.21
C THR B 95 -0.10 1.96 -14.11
N LYS B 96 0.57 3.06 -13.80
CA LYS B 96 1.72 3.48 -14.57
C LYS B 96 2.76 4.16 -13.69
N GLU B 97 3.93 4.38 -14.26
CA GLU B 97 5.03 5.04 -13.55
C GLU B 97 4.73 6.53 -13.52
N LEU B 98 5.09 7.18 -12.42
CA LEU B 98 4.86 8.61 -12.27
C LEU B 98 6.16 9.37 -12.12
N TYR B 99 6.36 10.35 -13.01
CA TYR B 99 7.55 11.20 -12.96
C TYR B 99 7.04 12.64 -12.90
N PHE B 100 7.59 13.43 -11.98
CA PHE B 100 7.18 14.82 -11.83
C PHE B 100 7.88 15.76 -12.80
N TYR B 101 8.38 15.19 -13.89
CA TYR B 101 9.05 15.98 -14.91
C TYR B 101 8.56 15.55 -16.27
N HIS B 102 8.98 16.28 -17.30
CA HIS B 102 8.53 16.02 -18.66
C HIS B 102 9.67 16.18 -19.65
N HIS B 103 9.62 15.43 -20.75
CA HIS B 103 10.65 15.50 -21.77
C HIS B 103 10.13 16.03 -23.10
N ASN C 7 19.79 2.98 -3.94
CA ASN C 7 20.19 1.94 -3.01
C ASN C 7 19.22 0.76 -3.13
N SER C 8 19.77 -0.45 -3.19
CA SER C 8 18.94 -1.65 -3.32
C SER C 8 19.36 -2.79 -2.40
N TYR C 9 18.42 -3.67 -2.11
CA TYR C 9 18.66 -4.81 -1.24
C TYR C 9 19.77 -5.73 -1.78
N LYS C 10 20.58 -6.25 -0.88
CA LYS C 10 21.66 -7.16 -1.24
C LYS C 10 20.98 -8.49 -1.60
N MET C 11 20.99 -8.84 -2.88
CA MET C 11 20.36 -10.07 -3.34
C MET C 11 21.39 -11.09 -3.84
N ASP C 12 22.63 -10.94 -3.41
CA ASP C 12 23.68 -11.87 -3.85
C ASP C 12 24.14 -12.81 -2.74
N TYR C 13 23.21 -13.22 -1.88
CA TYR C 13 23.53 -14.17 -0.82
C TYR C 13 23.58 -15.53 -1.51
N PRO C 14 24.01 -16.59 -0.81
CA PRO C 14 24.07 -17.93 -1.42
C PRO C 14 22.71 -18.39 -1.94
N GLU C 15 21.65 -18.07 -1.21
CA GLU C 15 20.30 -18.46 -1.59
C GLU C 15 19.40 -17.24 -1.73
N MET C 16 18.51 -17.28 -2.72
CA MET C 16 17.56 -16.17 -2.91
C MET C 16 16.60 -16.23 -1.72
N GLY C 17 16.28 -17.44 -1.30
CA GLY C 17 15.37 -17.61 -0.16
C GLY C 17 14.24 -18.57 -0.43
N LEU C 18 13.37 -18.71 0.57
CA LEU C 18 12.22 -19.61 0.47
C LEU C 18 10.99 -18.94 -0.13
N CYS C 19 10.19 -19.73 -0.84
CA CYS C 19 8.94 -19.25 -1.40
C CYS C 19 7.90 -20.26 -0.93
N ILE C 20 7.16 -19.88 0.11
CA ILE C 20 6.13 -20.74 0.67
C ILE C 20 4.80 -20.45 -0.02
N ILE C 21 4.21 -21.47 -0.61
CA ILE C 21 2.94 -21.31 -1.30
C ILE C 21 1.85 -22.12 -0.61
N ILE C 22 0.90 -21.43 0.02
CA ILE C 22 -0.20 -22.08 0.69
C ILE C 22 -1.38 -22.03 -0.29
N ASN C 23 -1.81 -23.19 -0.76
CA ASN C 23 -2.90 -23.28 -1.72
C ASN C 23 -4.11 -24.01 -1.15
N ASN C 24 -5.09 -23.25 -0.65
CA ASN C 24 -6.30 -23.84 -0.07
C ASN C 24 -7.43 -23.88 -1.10
N LYS C 25 -7.79 -25.10 -1.48
CA LYS C 25 -8.85 -25.33 -2.46
C LYS C 25 -10.13 -25.93 -1.86
N ASN C 26 -9.97 -26.90 -0.96
CA ASN C 26 -11.11 -27.57 -0.33
C ASN C 26 -11.34 -27.13 1.11
N PHE C 27 -12.53 -26.61 1.39
CA PHE C 27 -12.89 -26.16 2.73
C PHE C 27 -13.93 -27.07 3.38
N HIS C 28 -13.86 -27.19 4.70
CA HIS C 28 -14.78 -28.02 5.46
C HIS C 28 -16.23 -27.57 5.32
N LYS C 29 -17.14 -28.54 5.29
CA LYS C 29 -18.56 -28.23 5.18
C LYS C 29 -18.94 -27.25 6.27
N SER C 30 -18.42 -27.51 7.47
CA SER C 30 -18.69 -26.65 8.62
C SER C 30 -18.50 -25.17 8.28
N THR C 31 -17.51 -24.88 7.43
CA THR C 31 -17.25 -23.50 7.04
C THR C 31 -18.36 -22.96 6.16
N GLY C 32 -18.80 -23.77 5.20
CA GLY C 32 -19.87 -23.36 4.31
C GLY C 32 -19.42 -22.60 3.08
N MET C 33 -18.16 -22.74 2.70
CA MET C 33 -17.63 -22.04 1.52
C MET C 33 -17.28 -23.01 0.39
N THR C 34 -17.54 -22.57 -0.83
CA THR C 34 -17.30 -23.37 -2.03
C THR C 34 -15.83 -23.64 -2.35
N SER C 35 -15.61 -24.65 -3.19
CA SER C 35 -14.27 -25.05 -3.61
C SER C 35 -13.71 -23.98 -4.56
N ARG C 36 -12.42 -23.67 -4.43
CA ARG C 36 -11.80 -22.65 -5.27
C ARG C 36 -11.23 -23.22 -6.56
N SER C 37 -12.10 -23.54 -7.51
CA SER C 37 -11.69 -24.10 -8.79
C SER C 37 -10.69 -23.22 -9.52
N GLY C 38 -9.63 -23.85 -10.04
CA GLY C 38 -8.62 -23.12 -10.77
C GLY C 38 -7.41 -22.76 -9.94
N THR C 39 -7.56 -22.76 -8.62
CA THR C 39 -6.48 -22.41 -7.72
C THR C 39 -5.21 -23.22 -7.99
N ASP C 40 -5.38 -24.47 -8.43
CA ASP C 40 -4.23 -25.33 -8.74
C ASP C 40 -3.39 -24.76 -9.88
N VAL C 41 -4.06 -24.12 -10.83
CA VAL C 41 -3.35 -23.53 -11.96
C VAL C 41 -2.43 -22.44 -11.42
N ASP C 42 -2.93 -21.67 -10.46
CA ASP C 42 -2.12 -20.61 -9.84
C ASP C 42 -0.95 -21.20 -9.10
N ALA C 43 -1.22 -22.18 -8.25
CA ALA C 43 -0.17 -22.81 -7.46
C ALA C 43 0.98 -23.30 -8.32
N ALA C 44 0.65 -23.92 -9.46
CA ALA C 44 1.67 -24.45 -10.35
C ALA C 44 2.43 -23.35 -11.09
N ASN C 45 1.70 -22.32 -11.52
CA ASN C 45 2.32 -21.20 -12.22
C ASN C 45 3.34 -20.53 -11.29
N LEU C 46 2.94 -20.34 -10.03
CA LEU C 46 3.82 -19.70 -9.04
C LEU C 46 5.05 -20.55 -8.77
N ARG C 47 4.85 -21.84 -8.56
CA ARG C 47 5.99 -22.73 -8.29
C ARG C 47 7.04 -22.63 -9.39
N GLU C 48 6.60 -22.65 -10.64
CA GLU C 48 7.51 -22.56 -11.77
C GLU C 48 8.15 -21.18 -11.91
N THR C 49 7.35 -20.14 -11.74
CA THR C 49 7.85 -18.77 -11.85
C THR C 49 8.94 -18.50 -10.83
N PHE C 50 8.67 -18.82 -9.56
CA PHE C 50 9.66 -18.58 -8.52
C PHE C 50 10.85 -19.54 -8.58
N ARG C 51 10.68 -20.68 -9.23
CA ARG C 51 11.78 -21.62 -9.37
C ARG C 51 12.77 -20.97 -10.33
N ASN C 52 12.23 -20.34 -11.37
CA ASN C 52 13.06 -19.66 -12.36
C ASN C 52 13.80 -18.48 -11.76
N LEU C 53 13.29 -17.93 -10.66
CA LEU C 53 13.93 -16.80 -9.99
C LEU C 53 14.93 -17.31 -8.97
N LYS C 54 15.05 -18.63 -8.90
CA LYS C 54 15.98 -19.31 -7.98
C LYS C 54 15.53 -19.37 -6.53
N TYR C 55 14.23 -19.45 -6.30
CA TYR C 55 13.72 -19.56 -4.94
C TYR C 55 13.48 -21.02 -4.58
N GLU C 56 13.65 -21.35 -3.31
CA GLU C 56 13.42 -22.70 -2.83
C GLU C 56 11.92 -22.75 -2.57
N VAL C 57 11.17 -23.26 -3.54
CA VAL C 57 9.73 -23.33 -3.45
C VAL C 57 9.19 -24.52 -2.66
N ARG C 58 8.19 -24.26 -1.83
CA ARG C 58 7.55 -25.30 -1.03
C ARG C 58 6.04 -25.08 -1.14
N ASN C 59 5.34 -26.09 -1.68
CA ASN C 59 3.89 -26.00 -1.82
C ASN C 59 3.14 -26.78 -0.73
N LYS C 60 2.21 -26.10 -0.09
CA LYS C 60 1.37 -26.70 0.95
C LYS C 60 -0.08 -26.53 0.52
N ASN C 61 -0.83 -27.63 0.52
CA ASN C 61 -2.22 -27.57 0.10
C ASN C 61 -3.23 -27.87 1.20
N ASP C 62 -4.37 -27.19 1.13
CA ASP C 62 -5.46 -27.35 2.08
C ASP C 62 -4.99 -27.46 3.52
N LEU C 63 -4.64 -26.33 4.12
CA LEU C 63 -4.20 -26.29 5.50
C LEU C 63 -5.28 -25.67 6.37
N THR C 64 -5.42 -26.17 7.60
CA THR C 64 -6.39 -25.61 8.52
C THR C 64 -5.72 -24.35 9.05
N ARG C 65 -6.47 -23.51 9.77
CA ARG C 65 -5.88 -22.30 10.30
C ARG C 65 -4.78 -22.62 11.30
N GLU C 66 -4.87 -23.78 11.95
CA GLU C 66 -3.85 -24.19 12.92
C GLU C 66 -2.57 -24.52 12.17
N GLU C 67 -2.69 -25.28 11.09
CA GLU C 67 -1.54 -25.68 10.28
C GLU C 67 -0.82 -24.48 9.68
N ILE C 68 -1.60 -23.48 9.24
CA ILE C 68 -1.02 -22.28 8.65
C ILE C 68 -0.16 -21.56 9.69
N VAL C 69 -0.74 -21.31 10.86
CA VAL C 69 -0.01 -20.63 11.93
C VAL C 69 1.25 -21.39 12.33
N GLU C 70 1.16 -22.70 12.45
CA GLU C 70 2.32 -23.50 12.83
C GLU C 70 3.35 -23.55 11.72
N LEU C 71 2.89 -23.54 10.48
CA LEU C 71 3.80 -23.57 9.34
C LEU C 71 4.66 -22.31 9.36
N MET C 72 3.99 -21.17 9.54
CA MET C 72 4.67 -19.89 9.57
C MET C 72 5.66 -19.79 10.73
N ARG C 73 5.25 -20.28 11.90
CA ARG C 73 6.12 -20.24 13.07
C ARG C 73 7.40 -21.05 12.85
N ASP C 74 7.23 -22.25 12.28
CA ASP C 74 8.37 -23.13 11.99
C ASP C 74 9.31 -22.51 10.97
N VAL C 75 8.73 -21.94 9.92
CA VAL C 75 9.53 -21.31 8.87
C VAL C 75 10.31 -20.11 9.42
N SER C 76 9.65 -19.28 10.22
CA SER C 76 10.30 -18.10 10.77
C SER C 76 11.38 -18.46 11.78
N LYS C 77 11.43 -19.72 12.20
CA LYS C 77 12.44 -20.13 13.16
C LYS C 77 13.62 -20.80 12.49
N GLU C 78 13.58 -20.88 11.17
CA GLU C 78 14.68 -21.46 10.41
C GLU C 78 15.83 -20.47 10.39
N ASP C 79 16.99 -20.92 9.94
CA ASP C 79 18.15 -20.05 9.84
C ASP C 79 18.18 -19.50 8.42
N HIS C 80 17.78 -18.25 8.27
CA HIS C 80 17.73 -17.60 6.97
C HIS C 80 19.02 -16.84 6.66
N SER C 81 20.01 -16.97 7.53
CA SER C 81 21.28 -16.27 7.36
C SER C 81 21.83 -16.20 5.94
N LYS C 82 21.85 -17.32 5.22
CA LYS C 82 22.38 -17.32 3.86
C LYS C 82 21.34 -17.07 2.79
N ARG C 83 20.17 -16.56 3.20
CA ARG C 83 19.09 -16.26 2.26
C ARG C 83 18.90 -14.75 2.10
N SER C 84 18.73 -14.31 0.85
CA SER C 84 18.57 -12.89 0.54
C SER C 84 17.20 -12.33 0.90
N SER C 85 16.18 -13.19 0.88
CA SER C 85 14.83 -12.74 1.17
C SER C 85 13.91 -13.86 1.57
N PHE C 86 12.62 -13.55 1.60
CA PHE C 86 11.58 -14.51 1.95
C PHE C 86 10.29 -14.15 1.23
N VAL C 87 9.63 -15.16 0.65
CA VAL C 87 8.38 -14.96 -0.07
C VAL C 87 7.29 -15.95 0.37
N CYS C 88 6.11 -15.43 0.66
CA CYS C 88 4.99 -16.27 1.06
C CYS C 88 3.76 -15.91 0.24
N VAL C 89 3.15 -16.90 -0.40
CA VAL C 89 1.97 -16.67 -1.22
C VAL C 89 0.74 -17.38 -0.64
N LEU C 90 -0.29 -16.62 -0.35
CA LEU C 90 -1.53 -17.17 0.20
C LEU C 90 -2.63 -17.18 -0.86
N LEU C 91 -3.18 -18.35 -1.14
CA LEU C 91 -4.26 -18.50 -2.12
C LEU C 91 -5.46 -19.08 -1.39
N SER C 92 -6.49 -18.27 -1.14
CA SER C 92 -7.65 -18.76 -0.43
C SER C 92 -8.77 -17.71 -0.43
N HIS C 93 -9.85 -18.00 0.30
CA HIS C 93 -10.93 -17.05 0.43
C HIS C 93 -10.43 -16.12 1.54
N GLY C 94 -11.08 -14.98 1.71
CA GLY C 94 -10.66 -14.08 2.76
C GLY C 94 -11.63 -12.94 2.98
N GLU C 95 -11.28 -12.09 3.94
CA GLU C 95 -12.06 -10.91 4.28
C GLU C 95 -11.01 -9.85 4.55
N GLU C 96 -11.41 -8.60 4.76
CA GLU C 96 -10.41 -7.57 5.01
C GLU C 96 -9.51 -7.99 6.18
N GLY C 97 -8.21 -8.02 5.93
CA GLY C 97 -7.25 -8.41 6.97
C GLY C 97 -7.31 -9.87 7.36
N ILE C 98 -8.06 -10.68 6.62
CA ILE C 98 -8.20 -12.09 6.96
C ILE C 98 -8.04 -13.06 5.81
N ILE C 99 -7.39 -14.18 6.09
CA ILE C 99 -7.21 -15.24 5.11
C ILE C 99 -7.91 -16.44 5.74
N PHE C 100 -8.41 -17.35 4.92
CA PHE C 100 -9.10 -18.52 5.43
C PHE C 100 -8.35 -19.84 5.38
N GLY C 101 -8.26 -20.49 6.53
CA GLY C 101 -7.66 -21.79 6.57
C GLY C 101 -8.79 -22.70 6.10
N THR C 102 -8.57 -24.00 5.93
CA THR C 102 -9.64 -24.88 5.47
C THR C 102 -10.81 -24.99 6.46
N ASN C 103 -10.58 -24.57 7.70
CA ASN C 103 -11.62 -24.66 8.71
C ASN C 103 -12.02 -23.34 9.37
N GLY C 104 -11.48 -22.22 8.89
CA GLY C 104 -11.82 -20.95 9.50
C GLY C 104 -10.86 -19.81 9.23
N PRO C 105 -11.23 -18.58 9.59
CA PRO C 105 -10.42 -17.38 9.39
C PRO C 105 -9.18 -17.29 10.29
N VAL C 106 -8.15 -16.62 9.76
CA VAL C 106 -6.89 -16.40 10.45
C VAL C 106 -6.48 -14.97 10.14
N ASP C 107 -6.22 -14.17 11.18
CA ASP C 107 -5.81 -12.79 10.94
C ASP C 107 -4.46 -12.79 10.25
N LEU C 108 -4.36 -12.03 9.15
CA LEU C 108 -3.11 -11.94 8.41
C LEU C 108 -1.97 -11.44 9.28
N LYS C 109 -2.28 -10.52 10.18
CA LYS C 109 -1.28 -9.94 11.08
C LYS C 109 -0.58 -11.00 11.92
N LYS C 110 -1.32 -12.05 12.29
CA LYS C 110 -0.75 -13.13 13.10
C LYS C 110 0.26 -13.94 12.30
N ILE C 111 0.02 -14.04 11.01
CA ILE C 111 0.89 -14.78 10.10
C ILE C 111 2.18 -14.00 9.83
N THR C 112 2.04 -12.71 9.53
CA THR C 112 3.20 -11.88 9.23
C THR C 112 4.06 -11.50 10.44
N ASN C 113 3.44 -11.40 11.62
CA ASN C 113 4.18 -11.05 12.83
C ASN C 113 5.35 -11.99 13.12
N PHE C 114 5.25 -13.22 12.65
CA PHE C 114 6.31 -14.20 12.86
C PHE C 114 7.62 -13.76 12.23
N PHE C 115 7.53 -12.88 11.25
CA PHE C 115 8.72 -12.42 10.54
C PHE C 115 9.13 -10.98 10.86
N ARG C 116 8.54 -10.39 11.88
CA ARG C 116 8.89 -9.03 12.25
C ARG C 116 10.40 -8.95 12.47
N GLY C 117 10.97 -7.76 12.25
CA GLY C 117 12.40 -7.58 12.39
C GLY C 117 13.00 -8.06 13.71
N ASP C 118 12.20 -8.13 14.76
CA ASP C 118 12.70 -8.56 16.06
C ASP C 118 12.40 -10.01 16.42
N ARG C 119 11.47 -10.64 15.70
CA ARG C 119 11.11 -12.03 15.98
C ARG C 119 11.77 -13.05 15.05
N CYS C 120 12.39 -12.55 13.97
CA CYS C 120 13.08 -13.39 13.01
C CYS C 120 14.31 -12.60 12.59
N ARG C 121 15.33 -12.61 13.44
CA ARG C 121 16.55 -11.87 13.21
C ARG C 121 17.31 -12.23 11.94
N SER C 122 17.25 -13.50 11.53
CA SER C 122 17.98 -13.89 10.32
C SER C 122 17.39 -13.28 9.04
N LEU C 123 16.30 -12.55 9.19
CA LEU C 123 15.67 -11.89 8.04
C LEU C 123 15.61 -10.38 8.26
N THR C 124 16.13 -9.92 9.40
CA THR C 124 16.13 -8.49 9.71
C THR C 124 16.90 -7.77 8.61
N GLY C 125 16.30 -6.74 8.02
CA GLY C 125 16.95 -5.99 6.98
C GLY C 125 16.83 -6.58 5.58
N LYS C 126 16.12 -7.70 5.48
CA LYS C 126 15.92 -8.37 4.20
C LYS C 126 14.45 -8.26 3.79
N PRO C 127 14.18 -8.17 2.49
CA PRO C 127 12.79 -8.05 2.03
C PRO C 127 11.96 -9.30 2.31
N LYS C 128 10.80 -9.07 2.93
CA LYS C 128 9.85 -10.12 3.27
C LYS C 128 8.59 -9.85 2.46
N LEU C 129 8.34 -10.69 1.45
CA LEU C 129 7.19 -10.51 0.57
C LEU C 129 6.00 -11.43 0.81
N PHE C 130 4.82 -10.82 0.95
CA PHE C 130 3.58 -11.57 1.13
C PHE C 130 2.63 -11.23 -0.01
N ILE C 131 2.39 -12.24 -0.85
CA ILE C 131 1.51 -12.11 -2.02
C ILE C 131 0.19 -12.77 -1.63
N ILE C 132 -0.88 -11.99 -1.62
CA ILE C 132 -2.19 -12.48 -1.19
C ILE C 132 -3.32 -12.48 -2.20
N GLN C 133 -3.76 -13.68 -2.58
CA GLN C 133 -4.86 -13.84 -3.52
C GLN C 133 -6.06 -14.33 -2.72
N ALA C 134 -6.89 -13.39 -2.27
CA ALA C 134 -8.08 -13.68 -1.49
C ALA C 134 -8.92 -12.41 -1.45
N CYS C 135 -10.22 -12.55 -1.26
CA CYS C 135 -11.09 -11.38 -1.20
C CYS C 135 -10.78 -10.56 0.04
N ARG C 136 -11.16 -9.28 0.01
CA ARG C 136 -10.94 -8.37 1.13
C ARG C 136 -12.26 -7.71 1.48
N GLY C 137 -13.36 -8.43 1.23
CA GLY C 137 -14.68 -7.89 1.51
C GLY C 137 -15.60 -8.31 0.38
N THR C 138 -16.77 -7.67 0.28
CA THR C 138 -17.73 -8.02 -0.75
C THR C 138 -18.09 -6.89 -1.70
N GLU C 139 -17.27 -5.84 -1.76
CA GLU C 139 -17.57 -4.76 -2.68
C GLU C 139 -17.17 -5.14 -4.10
N LEU C 140 -17.91 -4.62 -5.06
CA LEU C 140 -17.67 -4.88 -6.47
C LEU C 140 -17.35 -3.55 -7.15
N ASP C 141 -16.36 -3.57 -8.05
CA ASP C 141 -15.95 -2.37 -8.78
C ASP C 141 -16.65 -2.37 -10.13
N CYS C 142 -17.61 -1.48 -10.31
N CYS C 142 -17.60 -1.45 -10.30
CA CYS C 142 -18.35 -1.40 -11.56
CA CYS C 142 -18.37 -1.32 -11.53
C CYS C 142 -17.54 -0.84 -12.72
C CYS C 142 -17.54 -0.83 -12.71
N GLY C 143 -16.41 -0.19 -12.40
CA GLY C 143 -15.56 0.35 -13.45
C GLY C 143 -16.13 1.58 -14.14
N ILE C 144 -15.33 2.16 -15.03
CA ILE C 144 -15.74 3.35 -15.80
C ILE C 144 -15.08 3.26 -17.19
N GLU C 145 -15.83 3.65 -18.22
CA GLU C 145 -15.32 3.60 -19.58
C GLU C 145 -14.33 4.73 -19.86
N THR C 146 -13.23 4.37 -20.51
CA THR C 146 -12.18 5.34 -20.84
C THR C 146 -12.20 5.71 -22.32
N LYS D 11 18.96 1.30 15.30
CA LYS D 11 17.73 0.52 15.07
C LYS D 11 16.88 0.85 13.84
N ILE D 12 16.07 -0.14 13.44
CA ILE D 12 15.13 -0.02 12.33
C ILE D 12 13.77 -0.50 12.86
N PRO D 13 12.67 -0.05 12.24
CA PRO D 13 11.34 -0.48 12.70
C PRO D 13 11.18 -1.99 12.52
N VAL D 14 10.43 -2.64 13.42
CA VAL D 14 10.21 -4.07 13.29
C VAL D 14 9.25 -4.33 12.13
N GLU D 15 8.52 -3.30 11.71
CA GLU D 15 7.56 -3.40 10.61
C GLU D 15 8.21 -3.06 9.26
N ALA D 16 9.47 -2.67 9.29
CA ALA D 16 10.18 -2.32 8.05
C ALA D 16 10.57 -3.53 7.21
N ASP D 17 10.71 -3.29 5.91
CA ASP D 17 11.12 -4.30 4.94
C ASP D 17 10.10 -5.40 4.63
N PHE D 18 8.82 -5.04 4.70
CA PHE D 18 7.71 -5.95 4.38
C PHE D 18 7.05 -5.36 3.15
N LEU D 19 6.57 -6.22 2.26
CA LEU D 19 5.84 -5.76 1.09
C LEU D 19 4.65 -6.69 0.97
N TYR D 20 3.45 -6.11 0.90
CA TYR D 20 2.25 -6.92 0.77
C TYR D 20 1.63 -6.64 -0.58
N ALA D 21 1.66 -7.63 -1.46
CA ALA D 21 1.09 -7.46 -2.79
C ALA D 21 -0.31 -8.08 -2.78
N TYR D 22 -1.31 -7.25 -2.49
CA TYR D 22 -2.69 -7.71 -2.45
C TYR D 22 -3.27 -7.78 -3.86
N SER D 23 -4.09 -8.79 -4.12
CA SER D 23 -4.71 -9.00 -5.42
C SER D 23 -5.81 -8.00 -5.72
N THR D 24 -6.35 -7.39 -4.67
CA THR D 24 -7.44 -6.44 -4.84
C THR D 24 -7.41 -5.34 -3.78
N ALA D 25 -8.16 -4.28 -4.02
CA ALA D 25 -8.20 -3.14 -3.09
C ALA D 25 -8.97 -3.45 -1.81
N PRO D 26 -8.68 -2.70 -0.74
CA PRO D 26 -9.35 -2.89 0.55
C PRO D 26 -10.88 -2.92 0.41
N GLY D 27 -11.51 -3.91 1.04
CA GLY D 27 -12.95 -4.02 1.01
C GLY D 27 -13.57 -4.68 -0.21
N TYR D 28 -12.78 -5.00 -1.22
CA TYR D 28 -13.32 -5.61 -2.44
C TYR D 28 -13.15 -7.09 -2.64
N TYR D 29 -13.95 -7.63 -3.56
CA TYR D 29 -13.89 -9.03 -3.94
C TYR D 29 -12.64 -9.15 -4.81
N SER D 30 -12.16 -10.37 -4.98
CA SER D 30 -11.01 -10.65 -5.83
C SER D 30 -11.50 -11.69 -6.84
N TRP D 31 -11.26 -11.46 -8.13
CA TRP D 31 -11.73 -12.39 -9.15
C TRP D 31 -10.82 -13.53 -9.56
N ARG D 32 -11.45 -14.64 -9.94
CA ARG D 32 -10.73 -15.83 -10.35
C ARG D 32 -11.43 -16.52 -11.50
N ASN D 33 -10.65 -17.11 -12.40
CA ASN D 33 -11.18 -17.85 -13.54
C ASN D 33 -10.98 -19.32 -13.22
N SER D 34 -12.08 -20.08 -13.14
CA SER D 34 -12.01 -21.50 -12.83
C SER D 34 -11.14 -22.29 -13.82
N LYS D 35 -10.82 -21.66 -14.95
CA LYS D 35 -10.01 -22.31 -15.98
C LYS D 35 -8.58 -21.79 -16.12
N ASP D 36 -8.41 -20.47 -16.04
CA ASP D 36 -7.10 -19.85 -16.19
C ASP D 36 -6.45 -19.49 -14.86
N GLY D 37 -7.23 -19.46 -13.78
CA GLY D 37 -6.69 -19.11 -12.49
C GLY D 37 -7.12 -17.70 -12.10
N SER D 38 -6.56 -17.17 -11.02
CA SER D 38 -6.92 -15.83 -10.58
C SER D 38 -6.34 -14.77 -11.52
N TRP D 39 -7.06 -13.67 -11.69
CA TRP D 39 -6.60 -12.58 -12.55
C TRP D 39 -5.24 -12.07 -12.07
N PHE D 40 -5.16 -11.79 -10.77
CA PHE D 40 -3.95 -11.27 -10.17
C PHE D 40 -2.74 -12.18 -10.33
N ILE D 41 -2.88 -13.46 -9.96
CA ILE D 41 -1.76 -14.39 -10.07
C ILE D 41 -1.30 -14.65 -11.52
N GLN D 42 -2.25 -14.80 -12.44
CA GLN D 42 -1.87 -15.02 -13.85
C GLN D 42 -1.00 -13.85 -14.27
N SER D 43 -1.50 -12.65 -14.01
CA SER D 43 -0.81 -11.43 -14.38
C SER D 43 0.55 -11.31 -13.73
N LEU D 44 0.60 -11.59 -12.42
CA LEU D 44 1.86 -11.51 -11.68
C LEU D 44 2.94 -12.40 -12.26
N CYS D 45 2.59 -13.64 -12.57
CA CYS D 45 3.58 -14.56 -13.12
C CYS D 45 4.04 -14.14 -14.51
N ALA D 46 3.11 -13.62 -15.32
CA ALA D 46 3.47 -13.16 -16.66
C ALA D 46 4.43 -11.97 -16.60
N MET D 47 4.15 -11.01 -15.72
CA MET D 47 5.01 -9.85 -15.62
C MET D 47 6.38 -10.20 -15.06
N LEU D 48 6.42 -11.10 -14.09
CA LEU D 48 7.69 -11.53 -13.51
C LEU D 48 8.53 -12.23 -14.58
N LYS D 49 7.90 -13.13 -15.33
CA LYS D 49 8.59 -13.86 -16.37
C LYS D 49 9.20 -12.92 -17.40
N GLN D 50 8.43 -11.93 -17.81
CA GLN D 50 8.87 -10.98 -18.82
C GLN D 50 9.81 -9.88 -18.35
N TYR D 51 9.62 -9.37 -17.13
CA TYR D 51 10.43 -8.26 -16.63
C TYR D 51 11.37 -8.48 -15.45
N ALA D 52 11.27 -9.61 -14.77
CA ALA D 52 12.12 -9.86 -13.60
C ALA D 52 13.61 -9.68 -13.84
N ASP D 53 14.05 -9.84 -15.09
CA ASP D 53 15.47 -9.69 -15.39
C ASP D 53 15.88 -8.25 -15.67
N LYS D 54 14.94 -7.32 -15.55
CA LYS D 54 15.24 -5.93 -15.82
C LYS D 54 14.68 -4.92 -14.81
N LEU D 55 13.35 -4.90 -14.68
CA LEU D 55 12.65 -3.96 -13.79
C LEU D 55 12.76 -4.17 -12.28
N GLU D 56 12.65 -3.06 -11.55
CA GLU D 56 12.69 -3.07 -10.09
C GLU D 56 11.33 -3.65 -9.71
N PHE D 57 11.23 -4.34 -8.58
CA PHE D 57 9.97 -4.98 -8.19
C PHE D 57 8.72 -4.10 -8.17
N MET D 58 8.80 -2.92 -7.57
CA MET D 58 7.63 -2.03 -7.54
C MET D 58 7.12 -1.74 -8.96
N HIS D 59 8.03 -1.58 -9.91
CA HIS D 59 7.65 -1.30 -11.29
C HIS D 59 7.03 -2.53 -11.96
N ILE D 60 7.48 -3.71 -11.55
CA ILE D 60 6.91 -4.94 -12.10
C ILE D 60 5.47 -5.04 -11.60
N LEU D 61 5.27 -4.72 -10.32
CA LEU D 61 3.95 -4.79 -9.71
C LEU D 61 2.98 -3.74 -10.28
N THR D 62 3.52 -2.63 -10.76
CA THR D 62 2.68 -1.58 -11.34
C THR D 62 2.15 -2.08 -12.68
N ARG D 63 2.99 -2.77 -13.45
CA ARG D 63 2.55 -3.32 -14.72
C ARG D 63 1.48 -4.38 -14.45
N VAL D 64 1.60 -5.09 -13.32
CA VAL D 64 0.60 -6.10 -12.97
C VAL D 64 -0.71 -5.36 -12.71
N ASN D 65 -0.63 -4.24 -12.00
CA ASN D 65 -1.83 -3.45 -11.72
C ASN D 65 -2.51 -3.08 -13.04
N ARG D 66 -1.73 -2.60 -14.00
CA ARG D 66 -2.30 -2.19 -15.29
C ARG D 66 -2.90 -3.37 -16.06
N LYS D 67 -2.18 -4.49 -16.08
CA LYS D 67 -2.66 -5.68 -16.78
C LYS D 67 -4.01 -6.13 -16.22
N VAL D 68 -4.09 -6.21 -14.90
CA VAL D 68 -5.33 -6.62 -14.25
C VAL D 68 -6.46 -5.63 -14.51
N ALA D 69 -6.13 -4.34 -14.42
CA ALA D 69 -7.13 -3.29 -14.60
C ALA D 69 -7.70 -3.16 -16.02
N THR D 70 -6.87 -3.37 -17.03
CA THR D 70 -7.32 -3.21 -18.40
C THR D 70 -7.73 -4.48 -19.17
N GLU D 71 -7.10 -5.60 -18.86
CA GLU D 71 -7.38 -6.84 -19.58
C GLU D 71 -8.43 -7.80 -19.02
N PHE D 72 -8.92 -7.53 -17.81
CA PHE D 72 -9.91 -8.42 -17.22
C PHE D 72 -11.24 -7.73 -16.87
N GLU D 73 -12.32 -8.49 -17.04
CA GLU D 73 -13.67 -8.02 -16.73
C GLU D 73 -14.54 -9.26 -16.55
N SER D 74 -15.38 -9.24 -15.52
CA SER D 74 -16.25 -10.38 -15.23
C SER D 74 -17.44 -10.50 -16.17
N PHE D 75 -17.86 -11.74 -16.39
CA PHE D 75 -19.03 -12.05 -17.22
C PHE D 75 -19.92 -12.95 -16.38
N SER D 76 -21.18 -12.57 -16.22
CA SER D 76 -22.11 -13.35 -15.42
C SER D 76 -23.56 -13.15 -15.85
N PHE D 77 -24.35 -14.22 -15.72
CA PHE D 77 -25.76 -14.13 -16.08
C PHE D 77 -26.49 -13.40 -14.96
N ASP D 78 -25.81 -13.23 -13.83
CA ASP D 78 -26.35 -12.51 -12.68
C ASP D 78 -25.85 -11.07 -12.81
N ALA D 79 -26.75 -10.15 -13.15
CA ALA D 79 -26.40 -8.75 -13.32
C ALA D 79 -25.51 -8.20 -12.21
N THR D 80 -25.69 -8.71 -11.00
CA THR D 80 -24.90 -8.27 -9.85
C THR D 80 -23.39 -8.45 -10.01
N PHE D 81 -22.97 -9.55 -10.63
CA PHE D 81 -21.54 -9.81 -10.80
C PHE D 81 -21.05 -9.68 -12.23
N HIS D 82 -21.88 -9.12 -13.10
CA HIS D 82 -21.52 -8.98 -14.50
C HIS D 82 -20.79 -7.68 -14.80
N ALA D 83 -19.77 -7.77 -15.67
CA ALA D 83 -19.01 -6.61 -16.09
C ALA D 83 -18.28 -5.88 -14.95
N LYS D 84 -17.76 -6.63 -13.99
CA LYS D 84 -17.04 -6.01 -12.88
C LYS D 84 -15.54 -5.98 -13.17
N LYS D 85 -14.84 -5.06 -12.52
CA LYS D 85 -13.40 -4.88 -12.72
C LYS D 85 -12.63 -5.05 -11.42
N GLN D 86 -11.31 -5.01 -11.52
CA GLN D 86 -10.47 -5.18 -10.33
C GLN D 86 -9.14 -4.46 -10.44
N ILE D 87 -8.67 -3.90 -9.33
CA ILE D 87 -7.36 -3.26 -9.30
C ILE D 87 -6.62 -3.86 -8.11
N PRO D 88 -5.38 -4.31 -8.31
CA PRO D 88 -4.65 -4.89 -7.18
C PRO D 88 -4.22 -3.75 -6.23
N CYS D 89 -3.56 -4.10 -5.13
CA CYS D 89 -3.16 -3.12 -4.14
C CYS D 89 -1.76 -3.42 -3.60
N ILE D 90 -0.79 -2.62 -4.01
CA ILE D 90 0.60 -2.77 -3.60
C ILE D 90 0.81 -2.03 -2.27
N VAL D 91 1.25 -2.73 -1.23
CA VAL D 91 1.49 -2.08 0.06
C VAL D 91 2.95 -2.30 0.42
N SER D 92 3.74 -1.24 0.36
CA SER D 92 5.16 -1.34 0.62
C SER D 92 5.76 -0.64 1.83
N MET D 93 6.43 -1.43 2.67
CA MET D 93 7.15 -0.90 3.82
C MET D 93 8.63 -1.15 3.52
N LEU D 94 8.96 -1.43 2.27
CA LEU D 94 10.35 -1.68 1.88
C LEU D 94 11.17 -0.41 2.02
N THR D 95 12.46 -0.57 2.31
CA THR D 95 13.36 0.57 2.47
C THR D 95 14.39 0.66 1.35
N LYS D 96 14.37 -0.30 0.43
CA LYS D 96 15.31 -0.30 -0.69
C LYS D 96 14.64 -0.87 -1.94
N GLU D 97 15.25 -0.63 -3.10
CA GLU D 97 14.73 -1.15 -4.36
C GLU D 97 15.04 -2.64 -4.41
N LEU D 98 14.16 -3.41 -5.04
CA LEU D 98 14.34 -4.85 -5.11
C LEU D 98 14.46 -5.37 -6.54
N TYR D 99 15.60 -5.99 -6.83
CA TYR D 99 15.85 -6.57 -8.15
C TYR D 99 16.06 -8.07 -7.97
N PHE D 100 15.42 -8.87 -8.81
CA PHE D 100 15.54 -10.31 -8.71
C PHE D 100 16.77 -10.88 -9.42
N TYR D 101 17.55 -10.03 -10.08
CA TYR D 101 18.74 -10.49 -10.78
C TYR D 101 20.05 -10.14 -10.08
N HIS D 102 21.09 -10.86 -10.44
CA HIS D 102 22.41 -10.68 -9.84
C HIS D 102 23.43 -10.20 -10.85
N TYR E 2 9.05 15.44 21.06
CA TYR E 2 8.43 14.44 20.19
C TYR E 2 6.98 14.19 20.59
N VAL E 3 6.08 14.22 19.62
CA VAL E 3 4.67 14.02 19.89
C VAL E 3 4.10 13.00 18.90
N ALA E 4 3.16 12.19 19.37
CA ALA E 4 2.53 11.18 18.52
C ALA E 4 1.24 11.76 17.96
N TYR F 2 -16.39 -17.17 -14.10
CA TYR F 2 -15.81 -16.17 -13.20
C TYR F 2 -16.40 -16.32 -11.80
N VAL F 3 -15.53 -16.42 -10.80
CA VAL F 3 -15.99 -16.53 -9.42
C VAL F 3 -15.20 -15.58 -8.54
N ALA F 4 -15.86 -15.05 -7.51
CA ALA F 4 -15.23 -14.11 -6.59
C ALA F 4 -14.61 -14.86 -5.41
#